data_4GR9
#
_entry.id   4GR9
#
_cell.length_a   56.609
_cell.length_b   83.369
_cell.length_c   106.494
_cell.angle_alpha   90.000
_cell.angle_beta   90.000
_cell.angle_gamma   90.000
#
_symmetry.space_group_name_H-M   'P 21 21 21'
#
loop_
_entity.id
_entity.type
_entity.pdbx_description
1 polymer 'Ribosyldihydronicotinamide dehydrogenase [quinone]'
2 non-polymer 'ZINC ION'
3 non-polymer 'FLAVIN-ADENINE DINUCLEOTIDE'
4 non-polymer N-[(3R)-3-(cyanomethyl)-1-methyl-2-oxo-2,3-dihydro-1H-indol-5-yl]acetamide
5 non-polymer GLYCEROL
6 water water
#
_entity_poly.entity_id   1
_entity_poly.type   'polypeptide(L)'
_entity_poly.pdbx_seq_one_letter_code
;AGKKVLIVYAHQEPKSFNGSLKNVAVDELSRQGCTVTVSDLYAMNFEPRATDKDITGTLSNPEVFNYGVETHEAYKQRSL
ASDITDEQKKVREADLVIFQFPLYWFSVPAILKGWMDRVLCQGFAFDIPGFYDSGLLQGKLALLSVTTGGTAEMYTKTGV
NGDSRYFLWPLQHGTLHFCGFKVLAPQISFAPEIASEEERKGMVAAWSQRLQTIWKEEPIPCTAHWHFGQ
;
_entity_poly.pdbx_strand_id   A,B
#
loop_
_chem_comp.id
_chem_comp.type
_chem_comp.name
_chem_comp.formula
372 non-polymer N-[(3R)-3-(cyanomethyl)-1-methyl-2-oxo-2,3-dihydro-1H-indol-5-yl]acetamide 'C13 H13 N3 O2'
FAD non-polymer 'FLAVIN-ADENINE DINUCLEOTIDE' 'C27 H33 N9 O15 P2'
GOL non-polymer GLYCEROL 'C3 H8 O3'
ZN non-polymer 'ZINC ION' 'Zn 2'
#
# COMPACT_ATOMS: atom_id res chain seq x y z
N ALA A 1 18.97 17.60 19.98
CA ALA A 1 18.66 19.05 19.83
C ALA A 1 19.30 19.59 18.53
N GLY A 2 18.67 20.61 17.92
CA GLY A 2 19.13 21.18 16.64
C GLY A 2 18.56 20.36 15.48
N LYS A 3 17.94 19.22 15.72
CA LYS A 3 17.50 18.46 14.60
C LYS A 3 16.00 18.61 14.38
N LYS A 4 15.57 18.43 13.15
CA LYS A 4 14.17 18.58 12.85
C LYS A 4 13.51 17.24 12.53
N VAL A 5 12.37 17.04 13.15
CA VAL A 5 11.62 15.82 12.95
C VAL A 5 10.28 16.11 12.35
N LEU A 6 9.88 15.31 11.37
CA LEU A 6 8.49 15.28 10.90
C LEU A 6 7.94 13.93 11.27
N ILE A 7 6.80 13.88 11.95
CA ILE A 7 6.06 12.61 12.12
C ILE A 7 4.84 12.67 11.19
N VAL A 8 4.74 11.71 10.25
CA VAL A 8 3.58 11.54 9.40
C VAL A 8 2.67 10.53 10.12
N TYR A 9 1.47 10.96 10.51
CA TYR A 9 0.67 10.15 11.42
C TYR A 9 -0.60 9.77 10.73
N ALA A 10 -0.90 8.48 10.72
CA ALA A 10 -2.08 7.97 10.05
C ALA A 10 -2.94 7.15 11.00
N HIS A 11 -3.74 7.84 11.80
CA HIS A 11 -4.74 7.17 12.60
C HIS A 11 -5.91 8.12 12.90
N GLN A 12 -7.15 7.58 12.90
CA GLN A 12 -8.39 8.38 13.02
C GLN A 12 -8.73 8.84 14.44
N GLU A 13 -8.11 8.18 15.41
CA GLU A 13 -8.46 8.34 16.80
C GLU A 13 -7.30 8.82 17.68
N PRO A 14 -7.44 10.04 18.23
CA PRO A 14 -6.41 10.58 19.09
C PRO A 14 -6.17 9.74 20.33
N LYS A 15 -7.23 9.18 20.95
CA LYS A 15 -7.03 8.35 22.15
C LYS A 15 -6.47 6.96 21.83
N SER A 16 -6.08 6.71 20.58
CA SER A 16 -5.67 5.36 20.20
C SER A 16 -4.23 5.09 20.59
N PHE A 17 -3.81 3.84 20.41
CA PHE A 17 -2.45 3.46 20.72
C PHE A 17 -1.48 4.15 19.76
N ASN A 18 -1.87 4.27 18.50
CA ASN A 18 -1.11 5.09 17.59
C ASN A 18 -1.04 6.55 18.08
N GLY A 19 -2.15 7.09 18.60
CA GLY A 19 -2.13 8.46 19.13
C GLY A 19 -1.13 8.59 20.27
N SER A 20 -1.20 7.69 21.23
CA SER A 20 -0.27 7.68 22.35
C SER A 20 1.16 7.64 21.87
N LEU A 21 1.45 6.83 20.87
CA LEU A 21 2.82 6.75 20.37
C LEU A 21 3.27 8.02 19.69
N LYS A 22 2.41 8.62 18.89
CA LYS A 22 2.68 9.92 18.27
C LYS A 22 2.89 11.00 19.34
N ASN A 23 2.05 11.00 20.39
CA ASN A 23 2.20 11.91 21.49
C ASN A 23 3.45 11.74 22.33
N VAL A 24 3.92 10.52 22.59
CA VAL A 24 5.18 10.42 23.36
C VAL A 24 6.34 10.78 22.48
N ALA A 25 6.16 10.63 21.17
CA ALA A 25 7.22 11.00 20.26
C ALA A 25 7.37 12.51 20.25
N VAL A 26 6.24 13.24 20.16
CA VAL A 26 6.22 14.71 20.26
C VAL A 26 6.79 15.16 21.55
N ASP A 27 6.28 14.63 22.68
CA ASP A 27 6.71 15.09 24.02
C ASP A 27 8.20 14.88 24.20
N GLU A 28 8.69 13.73 23.80
CA GLU A 28 10.08 13.37 24.02
C GLU A 28 11.11 14.14 23.16
N LEU A 29 10.81 14.27 21.88
CA LEU A 29 11.69 14.98 20.96
C LEU A 29 11.59 16.49 21.27
N SER A 30 10.42 16.93 21.70
CA SER A 30 10.25 18.27 22.16
C SER A 30 11.05 18.54 23.44
N ARG A 31 11.04 17.57 24.38
CA ARG A 31 11.83 17.73 25.64
C ARG A 31 13.33 17.94 25.33
N GLN A 32 13.82 17.29 24.27
CA GLN A 32 15.25 17.24 23.99
C GLN A 32 15.68 18.48 23.24
N GLY A 33 14.68 19.28 22.82
CA GLY A 33 14.92 20.54 22.17
C GLY A 33 14.83 20.47 20.66
N CYS A 34 14.43 19.31 20.11
CA CYS A 34 14.27 19.15 18.67
C CYS A 34 13.05 19.98 18.16
N THR A 35 13.09 20.36 16.89
CA THR A 35 11.98 21.02 16.18
C THR A 35 11.06 19.95 15.66
N VAL A 36 9.77 20.02 15.98
CA VAL A 36 8.92 18.92 15.68
C VAL A 36 7.68 19.35 14.94
N THR A 37 7.30 18.58 13.93
CA THR A 37 6.15 18.87 13.09
C THR A 37 5.38 17.57 12.92
N VAL A 38 4.04 17.65 12.88
CA VAL A 38 3.21 16.43 12.72
C VAL A 38 2.26 16.62 11.57
N SER A 39 2.30 15.73 10.59
CA SER A 39 1.23 15.79 9.59
C SER A 39 0.22 14.74 10.00
N ASP A 40 -0.90 15.19 10.54
CA ASP A 40 -1.96 14.29 10.94
C ASP A 40 -2.84 14.10 9.71
N LEU A 41 -2.53 13.08 8.92
CA LEU A 41 -3.28 12.89 7.65
C LEU A 41 -4.79 12.84 7.82
N TYR A 42 -5.35 12.09 8.78
CA TYR A 42 -6.83 12.07 8.78
C TYR A 42 -7.43 13.40 9.14
N ALA A 43 -6.83 14.09 10.12
CA ALA A 43 -7.34 15.40 10.62
C ALA A 43 -7.27 16.38 9.49
N MET A 44 -6.28 16.22 8.61
CA MET A 44 -6.10 17.08 7.41
C MET A 44 -7.02 16.68 6.25
N ASN A 45 -7.72 15.55 6.44
CA ASN A 45 -8.40 14.86 5.39
C ASN A 45 -7.54 14.80 4.10
N PHE A 46 -6.31 14.36 4.27
CA PHE A 46 -5.33 14.29 3.18
C PHE A 46 -5.81 13.50 1.96
N GLU A 47 -5.62 14.07 0.79
CA GLU A 47 -6.07 13.43 -0.48
C GLU A 47 -5.11 12.31 -0.84
N PRO A 48 -5.60 11.05 -0.90
CA PRO A 48 -4.75 9.96 -1.27
C PRO A 48 -4.67 9.73 -2.76
N ARG A 49 -5.66 10.17 -3.55
CA ARG A 49 -5.67 9.77 -4.96
C ARG A 49 -4.70 10.56 -5.84
N ALA A 50 -3.95 9.85 -6.67
CA ALA A 50 -3.05 10.48 -7.67
C ALA A 50 -3.87 10.93 -8.87
N THR A 51 -4.15 12.22 -9.05
CA THR A 51 -4.97 12.62 -10.18
C THR A 51 -4.44 13.88 -10.80
N ASP A 52 -5.10 14.32 -11.89
CA ASP A 52 -4.72 15.53 -12.60
C ASP A 52 -4.99 16.83 -11.80
N LYS A 53 -5.61 16.72 -10.63
CA LYS A 53 -5.80 17.87 -9.78
C LYS A 53 -4.51 18.19 -9.08
N ASP A 54 -3.55 17.28 -9.14
CA ASP A 54 -2.25 17.47 -8.48
C ASP A 54 -1.38 18.53 -9.21
N ILE A 55 -1.76 18.88 -10.45
CA ILE A 55 -1.06 19.89 -11.24
C ILE A 55 -1.99 21.08 -11.44
N THR A 56 -1.57 22.26 -10.98
CA THR A 56 -2.34 23.48 -11.18
C THR A 56 -2.03 24.09 -12.54
N GLY A 57 -2.90 24.98 -13.01
CA GLY A 57 -2.70 25.58 -14.34
C GLY A 57 -2.87 24.50 -15.41
N THR A 58 -2.23 24.69 -16.55
CA THR A 58 -2.42 23.82 -17.72
C THR A 58 -1.34 22.69 -17.80
N LEU A 59 -1.80 21.49 -18.20
CA LEU A 59 -1.00 20.26 -18.19
C LEU A 59 -0.11 20.22 -19.43
N SER A 60 1.07 19.63 -19.32
CA SER A 60 1.99 19.59 -20.46
C SER A 60 1.53 18.61 -21.53
N ASN A 61 0.41 17.90 -21.27
CA ASN A 61 -0.27 17.01 -22.24
C ASN A 61 -1.68 16.62 -21.81
N PRO A 62 -2.67 17.48 -22.08
CA PRO A 62 -4.05 17.21 -21.62
C PRO A 62 -4.83 16.23 -22.53
N GLU A 63 -4.13 15.52 -23.41
CA GLU A 63 -4.70 14.49 -24.28
C GLU A 63 -4.57 13.11 -23.62
N VAL A 64 -3.32 12.74 -23.34
CA VAL A 64 -2.97 11.51 -22.65
C VAL A 64 -2.41 11.88 -21.30
N PHE A 65 -3.15 11.62 -20.24
CA PHE A 65 -2.70 11.99 -18.91
C PHE A 65 -1.77 10.93 -18.30
N ASN A 66 -0.51 11.33 -18.08
CA ASN A 66 0.53 10.44 -17.54
C ASN A 66 1.03 11.03 -16.22
N TYR A 67 0.51 10.53 -15.13
CA TYR A 67 0.77 11.09 -13.80
C TYR A 67 2.27 11.28 -13.48
N GLY A 68 3.09 10.29 -13.77
CA GLY A 68 4.53 10.41 -13.46
C GLY A 68 5.18 11.59 -14.17
N VAL A 69 4.88 11.72 -15.44
CA VAL A 69 5.53 12.72 -16.24
C VAL A 69 4.98 14.08 -15.81
N GLU A 70 3.67 14.24 -15.79
CA GLU A 70 3.13 15.52 -15.42
C GLU A 70 3.60 15.93 -14.00
N THR A 71 3.71 15.00 -13.06
CA THR A 71 4.15 15.42 -11.73
C THR A 71 5.63 15.80 -11.72
N HIS A 72 6.52 15.04 -12.39
CA HIS A 72 7.92 15.52 -12.70
C HIS A 72 7.98 16.97 -13.27
N GLU A 73 7.28 17.27 -14.37
CA GLU A 73 7.25 18.66 -14.96
C GLU A 73 6.74 19.74 -14.02
N ALA A 74 5.60 19.46 -13.38
CA ALA A 74 5.01 20.31 -12.35
C ALA A 74 5.99 20.60 -11.20
N TYR A 75 6.74 19.58 -10.76
CA TYR A 75 7.65 19.81 -9.64
C TYR A 75 8.68 20.91 -9.93
N LYS A 76 9.33 20.76 -11.09
CA LYS A 76 10.32 21.61 -11.69
C LYS A 76 9.78 22.98 -12.10
N GLN A 77 8.46 23.11 -12.24
CA GLN A 77 7.91 24.35 -12.74
C GLN A 77 7.08 24.96 -11.63
N ARG A 78 7.24 24.43 -10.41
CA ARG A 78 6.58 24.98 -9.22
C ARG A 78 5.02 25.04 -9.41
N SER A 79 4.44 23.93 -9.89
CA SER A 79 3.03 23.89 -10.26
C SER A 79 2.26 22.70 -9.68
N LEU A 80 2.81 22.12 -8.62
CA LEU A 80 2.08 21.13 -7.88
C LEU A 80 1.02 21.77 -6.98
N ALA A 81 -0.08 21.06 -6.77
CA ALA A 81 -1.04 21.40 -5.70
C ALA A 81 -0.31 21.67 -4.41
N SER A 82 -0.87 22.61 -3.66
CA SER A 82 -0.24 23.11 -2.45
C SER A 82 -0.28 22.10 -1.34
N ASP A 83 -1.26 21.19 -1.33
CA ASP A 83 -1.19 20.18 -0.29
C ASP A 83 0.07 19.34 -0.41
N ILE A 84 0.51 19.08 -1.64
CA ILE A 84 1.72 18.32 -1.93
C ILE A 84 2.96 19.09 -1.58
N THR A 85 2.98 20.37 -1.94
CA THR A 85 4.16 21.17 -1.71
C THR A 85 4.35 21.52 -0.24
N ASP A 86 3.24 21.68 0.48
CA ASP A 86 3.30 21.84 1.94
C ASP A 86 4.05 20.64 2.57
N GLU A 87 3.67 19.41 2.18
CA GLU A 87 4.30 18.21 2.71
C GLU A 87 5.76 18.14 2.29
N GLN A 88 6.04 18.48 1.03
CA GLN A 88 7.46 18.44 0.58
C GLN A 88 8.33 19.41 1.37
N LYS A 89 7.74 20.57 1.70
CA LYS A 89 8.48 21.57 2.47
C LYS A 89 8.87 20.95 3.84
N LYS A 90 7.92 20.27 4.51
CA LYS A 90 8.16 19.70 5.81
C LYS A 90 9.23 18.59 5.70
N VAL A 91 9.18 17.84 4.59
CA VAL A 91 10.12 16.75 4.40
C VAL A 91 11.50 17.30 4.07
N ARG A 92 11.55 18.27 3.15
CA ARG A 92 12.81 18.92 2.82
C ARG A 92 13.55 19.35 4.10
N GLU A 93 12.77 19.86 5.06
CA GLU A 93 13.40 20.49 6.23
C GLU A 93 13.73 19.43 7.31
N ALA A 94 13.08 18.27 7.27
CA ALA A 94 13.31 17.29 8.32
C ALA A 94 14.68 16.58 8.21
N ASP A 95 15.31 16.29 9.36
CA ASP A 95 16.49 15.43 9.41
C ASP A 95 16.06 13.97 9.66
N LEU A 96 14.89 13.79 10.31
CA LEU A 96 14.27 12.46 10.59
C LEU A 96 12.81 12.52 10.25
N VAL A 97 12.34 11.59 9.43
CA VAL A 97 10.93 11.41 9.25
C VAL A 97 10.46 10.12 9.92
N ILE A 98 9.52 10.24 10.84
CA ILE A 98 8.92 9.10 11.50
C ILE A 98 7.54 8.84 10.96
N PHE A 99 7.20 7.58 10.62
CA PHE A 99 5.88 7.24 10.08
C PHE A 99 5.21 6.45 11.15
N GLN A 100 4.05 6.92 11.56
CA GLN A 100 3.34 6.30 12.67
C GLN A 100 1.97 5.82 12.18
N PHE A 101 1.76 4.50 12.12
CA PHE A 101 0.57 3.95 11.52
C PHE A 101 0.30 2.53 11.99
N PRO A 102 -0.99 2.12 11.97
CA PRO A 102 -1.40 0.71 12.16
C PRO A 102 -1.16 0.00 10.84
N LEU A 103 -0.64 -1.22 10.90
CA LEU A 103 -0.49 -2.05 9.71
C LEU A 103 -1.86 -2.38 9.14
N TYR A 104 -2.10 -1.98 7.89
CA TYR A 104 -3.31 -2.32 7.14
C TYR A 104 -2.91 -3.20 5.93
N TRP A 105 -3.35 -4.45 5.93
CA TRP A 105 -3.01 -5.37 4.86
C TRP A 105 -1.50 -5.48 4.56
N PHE A 106 -0.71 -5.78 5.59
CA PHE A 106 0.79 -5.88 5.52
C PHE A 106 1.37 -4.58 4.94
N SER A 107 0.65 -3.46 5.05
CA SER A 107 1.18 -2.22 4.50
C SER A 107 0.68 -1.02 5.32
N VAL A 108 0.80 0.16 4.75
CA VAL A 108 0.33 1.43 5.33
C VAL A 108 -1.15 1.66 4.99
N PRO A 109 -1.90 2.33 5.87
CA PRO A 109 -3.24 2.69 5.41
C PRO A 109 -3.16 3.48 4.11
N ALA A 110 -4.18 3.29 3.27
CA ALA A 110 -4.30 3.95 1.99
C ALA A 110 -4.00 5.44 2.08
N ILE A 111 -4.45 6.06 3.18
CA ILE A 111 -4.28 7.52 3.31
C ILE A 111 -2.79 7.93 3.29
N LEU A 112 -1.98 7.13 3.96
CA LEU A 112 -0.54 7.28 4.03
C LEU A 112 0.11 6.76 2.75
N LYS A 113 -0.46 5.71 2.13
CA LYS A 113 0.03 5.28 0.81
C LYS A 113 -0.07 6.45 -0.15
N GLY A 114 -1.20 7.15 -0.06
CA GLY A 114 -1.43 8.36 -0.86
C GLY A 114 -0.41 9.48 -0.63
N TRP A 115 -0.06 9.71 0.61
CA TRP A 115 0.98 10.63 0.98
C TRP A 115 2.26 10.28 0.22
N MET A 116 2.67 9.02 0.31
CA MET A 116 3.90 8.59 -0.34
CA MET A 116 3.89 8.55 -0.34
C MET A 116 3.73 8.69 -1.87
N ASP A 117 2.61 8.21 -2.42
CA ASP A 117 2.42 8.32 -3.88
C ASP A 117 2.55 9.77 -4.36
N ARG A 118 1.93 10.70 -3.63
CA ARG A 118 1.76 12.08 -4.14
C ARG A 118 2.92 13.02 -3.75
N VAL A 119 3.47 12.83 -2.56
CA VAL A 119 4.52 13.72 -2.07
C VAL A 119 5.90 13.34 -2.63
N LEU A 120 6.16 12.04 -2.76
CA LEU A 120 7.45 11.56 -3.15
C LEU A 120 7.55 11.48 -4.68
N CYS A 121 7.51 12.66 -5.29
CA CYS A 121 7.43 12.70 -6.72
C CYS A 121 8.83 12.77 -7.35
N GLN A 122 8.86 12.43 -8.62
CA GLN A 122 10.09 12.51 -9.35
C GLN A 122 10.53 13.94 -9.32
N GLY A 123 11.81 14.17 -9.06
CA GLY A 123 12.36 15.56 -9.10
C GLY A 123 12.52 15.99 -7.65
N PHE A 124 11.61 15.50 -6.79
CA PHE A 124 11.67 15.71 -5.35
C PHE A 124 12.37 14.59 -4.54
N ALA A 125 11.87 13.35 -4.63
CA ALA A 125 12.37 12.28 -3.79
C ALA A 125 13.46 11.49 -4.46
N PHE A 126 13.42 11.47 -5.80
CA PHE A 126 14.27 10.64 -6.61
C PHE A 126 14.20 11.13 -8.04
N ASP A 127 15.15 10.70 -8.85
CA ASP A 127 15.23 11.07 -10.24
C ASP A 127 16.30 10.09 -10.87
N ILE A 128 16.60 10.29 -12.17
CA ILE A 128 17.66 9.63 -12.87
C ILE A 128 18.67 10.80 -13.00
N PRO A 129 19.87 10.72 -12.34
CA PRO A 129 20.65 9.67 -11.62
C PRO A 129 20.27 9.19 -10.20
N GLY A 130 19.42 9.90 -9.47
CA GLY A 130 19.35 9.66 -8.02
C GLY A 130 18.28 8.74 -7.44
N PHE A 131 18.67 7.51 -7.07
CA PHE A 131 17.81 6.56 -6.34
C PHE A 131 18.69 5.64 -5.47
N TYR A 132 18.09 4.94 -4.51
CA TYR A 132 18.84 4.16 -3.53
C TYR A 132 19.93 5.00 -2.88
N ASP A 133 21.19 4.56 -2.87
CA ASP A 133 22.22 5.34 -2.20
C ASP A 133 22.34 6.80 -2.64
N SER A 134 21.95 7.08 -3.89
CA SER A 134 21.92 8.46 -4.34
C SER A 134 20.51 9.08 -4.49
N GLY A 135 19.44 8.50 -3.94
CA GLY A 135 18.13 9.15 -3.98
C GLY A 135 18.21 10.56 -3.42
N LEU A 136 17.27 11.44 -3.80
CA LEU A 136 17.36 12.89 -3.50
C LEU A 136 17.26 13.28 -2.03
N LEU A 137 16.80 12.39 -1.18
CA LEU A 137 16.63 12.71 0.22
C LEU A 137 17.78 12.11 1.08
N GLN A 138 18.92 11.80 0.47
CA GLN A 138 20.09 11.30 1.21
C GLN A 138 20.51 12.33 2.22
N GLY A 139 21.03 11.84 3.33
CA GLY A 139 21.36 12.71 4.45
C GLY A 139 20.23 12.59 5.46
N LYS A 140 19.04 12.24 5.01
CA LYS A 140 17.93 12.12 5.95
C LYS A 140 17.73 10.74 6.52
N LEU A 141 17.12 10.72 7.71
CA LEU A 141 16.78 9.47 8.39
C LEU A 141 15.30 9.17 8.31
N ALA A 142 14.93 7.91 8.28
CA ALA A 142 13.48 7.59 8.39
C ALA A 142 13.29 6.38 9.20
N LEU A 143 12.08 6.25 9.75
CA LEU A 143 11.76 5.19 10.71
C LEU A 143 10.28 4.88 10.61
N LEU A 144 9.95 3.59 10.44
CA LEU A 144 8.60 3.12 10.53
C LEU A 144 8.21 2.62 11.92
N SER A 145 7.19 3.25 12.47
CA SER A 145 6.67 2.88 13.75
C SER A 145 5.28 2.37 13.43
N VAL A 146 5.10 1.05 13.51
CA VAL A 146 3.94 0.34 13.05
C VAL A 146 3.36 -0.34 14.24
N THR A 147 2.03 -0.41 14.31
CA THR A 147 1.39 -1.29 15.25
C THR A 147 0.64 -2.44 14.50
N THR A 148 0.51 -3.60 15.12
CA THR A 148 -0.16 -4.72 14.48
C THR A 148 -1.35 -5.25 15.29
N GLY A 149 -2.28 -5.91 14.61
CA GLY A 149 -3.32 -6.66 15.27
C GLY A 149 -2.78 -8.02 15.71
N GLY A 150 -1.97 -8.62 14.82
CA GLY A 150 -1.39 -9.94 15.07
C GLY A 150 -0.14 -9.97 15.95
N THR A 151 0.04 -11.10 16.66
CA THR A 151 1.09 -11.25 17.70
C THR A 151 2.49 -11.34 17.10
N ALA A 152 3.53 -11.24 17.93
CA ALA A 152 4.88 -11.42 17.43
C ALA A 152 5.03 -12.80 16.80
N GLU A 153 4.27 -13.77 17.30
CA GLU A 153 4.41 -15.20 16.93
C GLU A 153 3.97 -15.46 15.47
N MET A 154 2.81 -14.91 15.10
CA MET A 154 2.28 -14.91 13.73
C MET A 154 3.24 -14.33 12.75
N TYR A 155 4.03 -13.35 13.21
CA TYR A 155 5.07 -12.72 12.38
C TYR A 155 6.49 -13.32 12.53
N THR A 156 6.61 -14.63 12.46
CA THR A 156 7.91 -15.29 12.30
C THR A 156 7.94 -16.12 11.02
N LYS A 157 9.15 -16.63 10.68
CA LYS A 157 9.48 -17.18 9.36
C LYS A 157 8.57 -18.35 9.03
N THR A 158 8.28 -19.13 10.08
CA THR A 158 7.39 -20.27 9.99
C THR A 158 5.99 -20.01 10.64
N GLY A 159 5.71 -18.79 11.05
CA GLY A 159 4.32 -18.42 11.42
C GLY A 159 3.40 -18.18 10.22
N VAL A 160 2.09 -18.05 10.47
CA VAL A 160 1.13 -17.84 9.37
C VAL A 160 1.43 -16.58 8.53
N ASN A 161 1.88 -15.52 9.18
CA ASN A 161 2.13 -14.23 8.47
C ASN A 161 3.49 -14.06 7.80
N GLY A 162 4.40 -15.02 8.02
CA GLY A 162 5.81 -14.86 7.69
C GLY A 162 6.51 -13.82 8.57
N ASP A 163 7.82 -13.66 8.36
CA ASP A 163 8.59 -12.66 9.09
C ASP A 163 8.16 -11.24 8.75
N SER A 164 7.98 -10.42 9.79
CA SER A 164 7.85 -8.95 9.70
C SER A 164 8.70 -8.29 8.65
N ARG A 165 9.93 -8.75 8.43
CA ARG A 165 10.79 -8.04 7.51
C ARG A 165 10.31 -8.23 6.08
N TYR A 166 9.64 -9.36 5.83
CA TYR A 166 9.02 -9.57 4.53
C TYR A 166 8.02 -8.48 4.20
N PHE A 167 7.13 -8.08 5.11
CA PHE A 167 6.26 -6.94 4.72
C PHE A 167 7.01 -5.60 4.75
N LEU A 168 8.16 -5.54 5.42
CA LEU A 168 8.83 -4.25 5.49
C LEU A 168 9.53 -3.87 4.19
N TRP A 169 9.81 -4.88 3.35
CA TRP A 169 10.59 -4.71 2.12
C TRP A 169 10.06 -3.58 1.23
N PRO A 170 8.78 -3.63 0.83
CA PRO A 170 8.27 -2.56 -0.04
C PRO A 170 8.33 -1.16 0.59
N LEU A 171 8.18 -1.07 1.90
CA LEU A 171 8.17 0.23 2.57
C LEU A 171 9.59 0.78 2.78
N GLN A 172 10.41 -0.06 3.41
CA GLN A 172 11.74 0.32 3.77
C GLN A 172 12.64 0.38 2.57
N HIS A 173 12.68 -0.70 1.79
CA HIS A 173 13.58 -0.74 0.65
C HIS A 173 13.02 -0.07 -0.59
N GLY A 174 11.87 -0.53 -1.09
CA GLY A 174 11.31 0.00 -2.31
C GLY A 174 10.85 1.47 -2.25
N THR A 175 10.60 2.00 -1.05
CA THR A 175 10.18 3.39 -0.84
C THR A 175 11.32 4.26 -0.15
N LEU A 176 11.60 4.02 1.15
CA LEU A 176 12.53 4.84 1.91
C LEU A 176 13.95 4.79 1.44
N HIS A 177 14.54 3.62 1.38
CA HIS A 177 15.85 3.46 0.75
C HIS A 177 15.82 4.02 -0.69
N PHE A 178 14.80 3.69 -1.47
CA PHE A 178 14.77 4.18 -2.86
C PHE A 178 14.94 5.70 -2.93
N CYS A 179 14.36 6.43 -1.99
CA CYS A 179 14.47 7.92 -2.02
C CYS A 179 15.75 8.45 -1.39
N GLY A 180 16.60 7.53 -0.93
CA GLY A 180 17.91 7.85 -0.45
C GLY A 180 17.96 8.09 1.05
N PHE A 181 16.91 7.74 1.79
CA PHE A 181 16.88 7.80 3.24
C PHE A 181 17.81 6.72 3.77
N LYS A 182 18.45 6.99 4.91
CA LYS A 182 18.99 5.92 5.76
C LYS A 182 17.82 5.51 6.65
N VAL A 183 17.60 4.20 6.77
CA VAL A 183 16.42 3.75 7.51
C VAL A 183 16.77 3.17 8.86
N LEU A 184 16.11 3.68 9.90
CA LEU A 184 16.36 3.17 11.24
C LEU A 184 15.55 1.88 11.50
N ALA A 185 15.99 1.06 12.44
CA ALA A 185 15.26 -0.17 12.72
C ALA A 185 13.77 0.15 12.93
N PRO A 186 12.84 -0.62 12.31
CA PRO A 186 11.43 -0.35 12.52
C PRO A 186 11.15 -0.43 13.99
N GLN A 187 10.17 0.34 14.48
CA GLN A 187 9.64 0.11 15.81
C GLN A 187 8.34 -0.59 15.59
N ILE A 188 8.24 -1.84 16.02
CA ILE A 188 7.03 -2.60 15.87
C ILE A 188 6.47 -2.91 17.23
N SER A 189 5.27 -2.36 17.51
CA SER A 189 4.53 -2.64 18.74
C SER A 189 3.47 -3.69 18.39
N PHE A 190 3.79 -4.94 18.64
CA PHE A 190 2.90 -6.06 18.29
C PHE A 190 1.67 -6.17 19.15
N ALA A 191 0.52 -6.17 18.48
CA ALA A 191 -0.81 -6.54 19.03
C ALA A 191 -1.16 -5.84 20.30
N PRO A 192 -1.20 -4.49 20.28
CA PRO A 192 -1.49 -3.82 21.53
C PRO A 192 -2.93 -4.09 22.05
N GLU A 193 -3.86 -4.45 21.17
CA GLU A 193 -5.27 -4.63 21.57
C GLU A 193 -5.48 -5.74 22.55
N ILE A 194 -4.69 -6.81 22.40
CA ILE A 194 -4.82 -8.03 23.20
C ILE A 194 -3.73 -8.14 24.28
N ALA A 195 -2.86 -7.14 24.37
CA ALA A 195 -1.88 -7.06 25.44
C ALA A 195 -2.54 -6.46 26.66
N SER A 196 -2.07 -6.82 27.85
CA SER A 196 -2.51 -6.14 29.06
C SER A 196 -2.17 -4.65 28.97
N GLU A 197 -2.88 -3.83 29.77
CA GLU A 197 -2.44 -2.46 30.07
C GLU A 197 -1.43 -2.66 31.16
N GLU A 198 -0.15 -2.32 30.89
CA GLU A 198 1.06 -3.07 31.33
C GLU A 198 1.41 -3.80 30.05
N GLU A 199 2.65 -4.20 29.78
CA GLU A 199 2.98 -4.62 28.37
C GLU A 199 2.68 -3.47 27.40
N ARG A 200 1.46 -2.93 27.47
CA ARG A 200 1.10 -1.72 26.73
C ARG A 200 1.99 -0.58 27.21
N LYS A 201 1.99 -0.28 28.52
CA LYS A 201 2.88 0.72 29.14
C LYS A 201 4.34 0.41 28.79
N GLY A 202 4.74 -0.86 28.91
CA GLY A 202 6.04 -1.36 28.42
C GLY A 202 6.36 -1.00 26.96
N MET A 203 5.40 -1.14 26.06
CA MET A 203 5.65 -0.77 24.65
C MET A 203 5.70 0.74 24.40
N VAL A 204 4.82 1.48 25.05
CA VAL A 204 4.96 2.91 25.04
C VAL A 204 6.35 3.33 25.61
N ALA A 205 6.72 2.81 26.78
CA ALA A 205 8.00 3.18 27.37
C ALA A 205 9.19 2.85 26.46
N ALA A 206 9.24 1.64 25.90
CA ALA A 206 10.33 1.25 24.99
C ALA A 206 10.51 2.30 23.90
N TRP A 207 9.38 2.72 23.31
CA TRP A 207 9.38 3.81 22.30
C TRP A 207 9.96 5.13 22.89
N SER A 208 9.49 5.53 24.08
CA SER A 208 10.02 6.72 24.75
C SER A 208 11.52 6.60 25.03
N GLN A 209 11.89 5.53 25.72
CA GLN A 209 13.27 5.15 25.96
C GLN A 209 14.08 5.18 24.68
N ARG A 210 13.66 4.42 23.67
CA ARG A 210 14.38 4.44 22.41
C ARG A 210 14.60 5.86 21.82
N LEU A 211 13.60 6.76 21.93
CA LEU A 211 13.74 8.12 21.38
C LEU A 211 14.77 9.01 22.08
N GLN A 212 15.20 8.62 23.27
CA GLN A 212 16.20 9.35 23.99
C GLN A 212 17.54 9.24 23.31
N THR A 213 17.78 8.13 22.59
CA THR A 213 19.10 7.89 22.00
C THR A 213 18.96 7.71 20.48
N ILE A 214 17.95 8.35 19.90
CA ILE A 214 17.59 8.11 18.49
C ILE A 214 18.71 8.59 17.61
N TRP A 215 19.33 9.69 18.03
CA TRP A 215 20.47 10.33 17.30
C TRP A 215 21.77 9.57 17.42
N LYS A 216 21.85 8.63 18.36
CA LYS A 216 23.06 7.84 18.45
C LYS A 216 23.04 6.64 17.46
N GLU A 217 21.87 6.37 16.83
CA GLU A 217 21.62 5.09 16.14
C GLU A 217 22.40 4.80 14.84
N GLU A 218 22.86 3.56 14.68
CA GLU A 218 23.31 3.06 13.36
C GLU A 218 22.03 2.70 12.54
N PRO A 219 21.93 3.22 11.30
CA PRO A 219 20.88 2.82 10.37
C PRO A 219 21.07 1.34 9.97
N ILE A 220 19.98 0.62 9.65
CA ILE A 220 20.09 -0.78 9.19
C ILE A 220 20.81 -0.88 7.82
N PRO A 221 21.51 -2.00 7.52
CA PRO A 221 21.83 -2.15 6.08
C PRO A 221 20.53 -2.51 5.37
N CYS A 222 19.97 -1.61 4.54
CA CYS A 222 18.69 -1.89 3.86
C CYS A 222 18.92 -2.72 2.58
N THR A 223 19.26 -3.98 2.82
CA THR A 223 19.52 -4.94 1.78
C THR A 223 18.47 -6.06 1.76
N ALA A 224 18.45 -6.79 0.64
CA ALA A 224 17.65 -8.00 0.50
C ALA A 224 18.09 -9.04 1.56
N HIS A 225 19.40 -9.10 1.80
CA HIS A 225 19.96 -9.97 2.81
C HIS A 225 19.33 -9.68 4.20
N TRP A 226 19.32 -8.40 4.61
CA TRP A 226 18.68 -7.99 5.87
C TRP A 226 17.24 -8.47 5.94
N HIS A 227 16.45 -8.18 4.90
CA HIS A 227 15.02 -8.54 4.87
C HIS A 227 14.75 -10.06 4.77
N PHE A 228 15.56 -10.78 3.99
CA PHE A 228 15.12 -12.10 3.56
C PHE A 228 15.94 -13.31 3.99
N GLY A 229 17.26 -13.11 4.15
CA GLY A 229 18.18 -14.23 4.39
C GLY A 229 18.42 -14.46 5.88
N GLN A 230 19.34 -15.36 6.20
CA GLN A 230 19.79 -15.50 7.59
C GLN A 230 21.01 -14.58 7.85
N ALA B 1 -18.10 -22.06 -18.04
CA ALA B 1 -19.25 -21.37 -18.72
C ALA B 1 -19.05 -19.80 -18.93
N GLY B 2 -19.67 -18.97 -18.09
CA GLY B 2 -20.43 -19.41 -16.90
C GLY B 2 -19.77 -18.80 -15.70
N LYS B 3 -18.57 -18.29 -15.93
CA LYS B 3 -17.84 -17.62 -14.89
C LYS B 3 -18.10 -16.11 -14.87
N LYS B 4 -18.05 -15.57 -13.65
CA LYS B 4 -18.24 -14.15 -13.41
C LYS B 4 -16.91 -13.56 -13.01
N VAL B 5 -16.51 -12.49 -13.68
CA VAL B 5 -15.26 -11.85 -13.45
C VAL B 5 -15.45 -10.40 -13.03
N LEU B 6 -14.69 -10.02 -12.00
CA LEU B 6 -14.57 -8.66 -11.58
C LEU B 6 -13.17 -8.15 -11.90
N ILE B 7 -13.08 -7.07 -12.68
CA ILE B 7 -11.79 -6.37 -12.83
C ILE B 7 -11.81 -5.12 -11.99
N VAL B 8 -10.93 -5.03 -10.99
CA VAL B 8 -10.79 -3.80 -10.18
C VAL B 8 -9.64 -3.08 -10.85
N TYR B 9 -9.95 -1.89 -11.41
CA TYR B 9 -9.00 -1.24 -12.29
C TYR B 9 -8.59 0.11 -11.77
N ALA B 10 -7.29 0.39 -11.70
CA ALA B 10 -6.73 1.61 -11.10
C ALA B 10 -5.73 2.36 -12.01
N HIS B 11 -6.23 3.01 -13.04
CA HIS B 11 -5.44 3.92 -13.80
C HIS B 11 -6.32 5.08 -14.23
N GLN B 12 -5.72 6.28 -14.27
CA GLN B 12 -6.39 7.55 -14.59
C GLN B 12 -6.73 7.71 -16.10
N GLU B 13 -5.94 7.09 -16.96
CA GLU B 13 -5.96 7.41 -18.37
C GLU B 13 -6.34 6.16 -19.20
N PRO B 14 -7.53 6.24 -19.81
CA PRO B 14 -8.07 5.10 -20.57
C PRO B 14 -7.14 4.72 -21.73
N LYS B 15 -6.30 5.63 -22.21
CA LYS B 15 -5.44 5.28 -23.34
C LYS B 15 -4.11 4.71 -22.84
N SER B 16 -3.99 4.48 -21.53
CA SER B 16 -2.77 3.94 -20.95
C SER B 16 -2.57 2.48 -21.31
N PHE B 17 -1.35 1.99 -21.08
CA PHE B 17 -1.08 0.58 -21.19
C PHE B 17 -2.01 -0.22 -20.27
N ASN B 18 -2.21 0.28 -19.04
CA ASN B 18 -3.21 -0.26 -18.14
C ASN B 18 -4.60 -0.31 -18.75
N GLY B 19 -5.10 0.77 -19.30
CA GLY B 19 -6.39 0.72 -19.97
C GLY B 19 -6.46 -0.31 -21.08
N SER B 20 -5.43 -0.40 -21.92
CA SER B 20 -5.38 -1.44 -22.96
C SER B 20 -5.51 -2.89 -22.39
N LEU B 21 -4.78 -3.18 -21.30
CA LEU B 21 -4.82 -4.47 -20.67
C LEU B 21 -6.19 -4.74 -20.07
N LYS B 22 -6.78 -3.73 -19.43
CA LYS B 22 -8.15 -3.82 -18.95
C LYS B 22 -9.12 -4.12 -20.13
N ASN B 23 -8.98 -3.38 -21.23
CA ASN B 23 -9.88 -3.56 -22.33
C ASN B 23 -9.70 -4.93 -22.97
N VAL B 24 -8.49 -5.49 -23.02
CA VAL B 24 -8.43 -6.82 -23.68
C VAL B 24 -8.90 -7.95 -22.77
N ALA B 25 -8.86 -7.72 -21.46
CA ALA B 25 -9.50 -8.62 -20.52
C ALA B 25 -10.99 -8.68 -20.78
N VAL B 26 -11.60 -7.50 -20.81
CA VAL B 26 -13.05 -7.37 -21.06
C VAL B 26 -13.34 -8.01 -22.40
N ASP B 27 -12.63 -7.64 -23.45
CA ASP B 27 -12.90 -8.22 -24.80
C ASP B 27 -12.83 -9.74 -24.83
N GLU B 28 -11.73 -10.26 -24.31
CA GLU B 28 -11.44 -11.68 -24.37
C GLU B 28 -12.35 -12.52 -23.44
N LEU B 29 -12.55 -12.04 -22.22
CA LEU B 29 -13.47 -12.73 -21.30
C LEU B 29 -14.90 -12.64 -21.80
N SER B 30 -15.29 -11.46 -22.27
CA SER B 30 -16.61 -11.27 -22.88
C SER B 30 -16.84 -12.21 -24.09
N ARG B 31 -15.82 -12.35 -24.94
CA ARG B 31 -15.89 -13.17 -26.14
C ARG B 31 -16.03 -14.63 -25.71
N GLN B 32 -15.42 -15.01 -24.58
CA GLN B 32 -15.56 -16.38 -24.04
C GLN B 32 -16.96 -16.62 -23.54
N GLY B 33 -17.73 -15.57 -23.35
CA GLY B 33 -19.09 -15.73 -22.89
C GLY B 33 -19.19 -15.55 -21.39
N CYS B 34 -18.11 -15.10 -20.76
CA CYS B 34 -18.07 -14.83 -19.32
C CYS B 34 -18.82 -13.56 -19.04
N THR B 35 -19.28 -13.40 -17.81
CA THR B 35 -19.92 -12.19 -17.35
C THR B 35 -18.83 -11.28 -16.78
N VAL B 36 -18.78 -10.00 -17.15
CA VAL B 36 -17.62 -9.17 -16.80
C VAL B 36 -18.10 -7.86 -16.13
N THR B 37 -17.44 -7.44 -15.06
CA THR B 37 -17.75 -6.19 -14.43
C THR B 37 -16.45 -5.47 -14.21
N VAL B 38 -16.44 -4.16 -14.39
CA VAL B 38 -15.23 -3.35 -14.11
C VAL B 38 -15.45 -2.26 -13.08
N SER B 39 -14.72 -2.37 -11.96
CA SER B 39 -14.63 -1.25 -11.04
C SER B 39 -13.50 -0.36 -11.49
N ASP B 40 -13.85 0.73 -12.16
CA ASP B 40 -12.92 1.76 -12.55
C ASP B 40 -12.75 2.80 -11.43
N LEU B 41 -11.79 2.55 -10.59
CA LEU B 41 -11.79 3.28 -9.36
C LEU B 41 -11.64 4.81 -9.56
N TYR B 42 -10.75 5.25 -10.46
CA TYR B 42 -10.50 6.65 -10.61
C TYR B 42 -11.76 7.27 -11.19
N ALA B 43 -12.40 6.61 -12.17
CA ALA B 43 -13.62 7.19 -12.76
C ALA B 43 -14.73 7.27 -11.75
N MET B 44 -14.68 6.41 -10.73
CA MET B 44 -15.71 6.40 -9.69
C MET B 44 -15.38 7.42 -8.62
N ASN B 45 -14.20 8.04 -8.69
CA ASN B 45 -13.76 8.87 -7.58
C ASN B 45 -13.82 8.07 -6.25
N PHE B 46 -13.48 6.80 -6.35
CA PHE B 46 -13.53 5.88 -5.21
C PHE B 46 -12.76 6.42 -4.02
N GLU B 47 -13.43 6.41 -2.87
CA GLU B 47 -12.93 6.97 -1.64
C GLU B 47 -11.99 5.97 -0.98
N PRO B 48 -10.70 6.33 -0.83
CA PRO B 48 -9.72 5.39 -0.35
C PRO B 48 -9.57 5.41 1.17
N ARG B 49 -10.03 6.45 1.83
CA ARG B 49 -9.75 6.68 3.25
C ARG B 49 -10.69 5.91 4.19
N ALA B 50 -10.11 5.23 5.16
CA ALA B 50 -10.90 4.53 6.13
C ALA B 50 -11.26 5.52 7.25
N THR B 51 -12.50 6.00 7.24
CA THR B 51 -12.96 6.96 8.26
C THR B 51 -14.29 6.59 8.85
N ASP B 52 -14.72 7.33 9.89
CA ASP B 52 -16.04 7.12 10.49
C ASP B 52 -17.20 7.40 9.55
N LYS B 53 -16.94 7.96 8.38
CA LYS B 53 -18.01 8.10 7.37
C LYS B 53 -18.44 6.79 6.77
N ASP B 54 -17.67 5.73 7.00
CA ASP B 54 -18.01 4.45 6.40
C ASP B 54 -19.10 3.71 7.18
N ILE B 55 -19.44 4.18 8.37
CA ILE B 55 -20.44 3.56 9.21
C ILE B 55 -21.57 4.52 9.36
N THR B 56 -22.81 4.11 9.10
CA THR B 56 -23.90 5.10 9.15
C THR B 56 -24.77 4.96 10.37
N GLY B 57 -24.56 3.88 11.13
CA GLY B 57 -25.40 3.59 12.30
C GLY B 57 -24.82 4.01 13.65
N THR B 58 -25.56 3.78 14.72
CA THR B 58 -25.01 4.02 16.04
C THR B 58 -23.67 3.31 16.14
N LEU B 59 -22.67 4.03 16.65
CA LEU B 59 -21.36 3.44 16.89
C LEU B 59 -21.36 2.53 18.12
N SER B 60 -20.59 1.42 18.04
CA SER B 60 -20.40 0.53 19.22
C SER B 60 -19.73 1.27 20.34
N ASN B 61 -18.77 2.13 19.99
CA ASN B 61 -18.03 2.97 20.94
C ASN B 61 -17.87 4.37 20.42
N PRO B 62 -18.77 5.26 20.80
CA PRO B 62 -18.73 6.55 20.12
C PRO B 62 -17.74 7.52 20.77
N GLU B 63 -17.17 7.14 21.92
CA GLU B 63 -16.14 7.95 22.62
C GLU B 63 -14.76 7.84 21.90
N VAL B 64 -14.38 6.61 21.57
CA VAL B 64 -13.08 6.29 21.01
C VAL B 64 -13.35 5.49 19.74
N PHE B 65 -12.93 6.00 18.60
CA PHE B 65 -13.28 5.41 17.32
C PHE B 65 -12.27 4.35 16.83
N ASN B 66 -12.75 3.12 16.72
CA ASN B 66 -11.95 2.00 16.29
C ASN B 66 -12.47 1.49 14.92
N TYR B 67 -11.75 1.83 13.84
CA TYR B 67 -12.20 1.49 12.51
C TYR B 67 -12.53 0.00 12.33
N GLY B 68 -11.69 -0.92 12.82
CA GLY B 68 -11.89 -2.36 12.61
C GLY B 68 -13.11 -2.84 13.37
N VAL B 69 -13.21 -2.46 14.63
CA VAL B 69 -14.40 -2.83 15.42
C VAL B 69 -15.69 -2.33 14.79
N GLU B 70 -15.72 -1.05 14.40
CA GLU B 70 -16.97 -0.41 13.98
C GLU B 70 -17.43 -0.91 12.65
N THR B 71 -16.49 -1.13 11.71
CA THR B 71 -16.80 -1.77 10.43
C THR B 71 -17.20 -3.26 10.52
N HIS B 72 -16.63 -4.05 11.44
CA HIS B 72 -17.06 -5.43 11.66
C HIS B 72 -18.55 -5.40 12.02
N GLU B 73 -18.87 -4.57 13.02
CA GLU B 73 -20.20 -4.42 13.50
C GLU B 73 -21.14 -3.82 12.45
N ALA B 74 -20.79 -2.70 11.83
CA ALA B 74 -21.64 -2.17 10.73
C ALA B 74 -21.92 -3.21 9.60
N TYR B 75 -20.96 -4.06 9.32
CA TYR B 75 -21.16 -5.12 8.33
C TYR B 75 -22.29 -6.06 8.80
N LYS B 76 -22.24 -6.50 10.05
CA LYS B 76 -23.23 -7.42 10.62
C LYS B 76 -24.63 -6.77 10.69
N GLN B 77 -24.67 -5.47 11.05
CA GLN B 77 -25.87 -4.65 11.08
C GLN B 77 -26.35 -4.19 9.70
N ARG B 78 -25.49 -4.26 8.69
CA ARG B 78 -25.74 -3.67 7.35
C ARG B 78 -25.91 -2.16 7.45
N SER B 79 -25.02 -1.51 8.19
CA SER B 79 -25.00 -0.08 8.19
C SER B 79 -23.69 0.42 7.63
N LEU B 80 -23.03 -0.35 6.76
CA LEU B 80 -21.84 0.21 6.09
C LEU B 80 -22.23 1.25 5.03
N ALA B 81 -21.29 2.13 4.65
CA ALA B 81 -21.58 3.06 3.53
C ALA B 81 -21.87 2.26 2.24
N SER B 82 -22.81 2.76 1.47
CA SER B 82 -23.20 2.05 0.27
C SER B 82 -22.09 1.83 -0.81
N ASP B 83 -21.13 2.73 -0.95
CA ASP B 83 -20.10 2.50 -1.94
C ASP B 83 -19.29 1.24 -1.58
N ILE B 84 -19.14 0.96 -0.28
CA ILE B 84 -18.47 -0.27 0.17
C ILE B 84 -19.33 -1.50 -0.07
N THR B 85 -20.62 -1.45 0.25
CA THR B 85 -21.43 -2.60 -0.06
C THR B 85 -21.60 -2.86 -1.57
N ASP B 86 -21.60 -1.82 -2.43
CA ASP B 86 -21.67 -2.05 -3.87
C ASP B 86 -20.47 -2.88 -4.33
N GLU B 87 -19.30 -2.67 -3.73
CA GLU B 87 -18.14 -3.45 -4.17
C GLU B 87 -18.19 -4.90 -3.70
N GLN B 88 -18.62 -5.03 -2.48
CA GLN B 88 -18.79 -6.31 -1.85
C GLN B 88 -19.72 -7.15 -2.64
N LYS B 89 -20.78 -6.52 -3.16
CA LYS B 89 -21.69 -7.29 -3.98
C LYS B 89 -20.96 -7.81 -5.24
N LYS B 90 -20.07 -7.00 -5.82
CA LYS B 90 -19.35 -7.36 -7.07
C LYS B 90 -18.38 -8.50 -6.77
N VAL B 91 -17.69 -8.38 -5.66
CA VAL B 91 -16.81 -9.40 -5.17
C VAL B 91 -17.53 -10.72 -4.81
N ARG B 92 -18.66 -10.62 -4.10
CA ARG B 92 -19.44 -11.78 -3.71
C ARG B 92 -19.88 -12.62 -4.91
N GLU B 93 -20.36 -11.93 -5.95
CA GLU B 93 -20.80 -12.64 -7.14
C GLU B 93 -19.69 -13.10 -8.08
N ALA B 94 -18.47 -12.61 -7.92
CA ALA B 94 -17.38 -12.99 -8.83
C ALA B 94 -16.76 -14.37 -8.53
N ASP B 95 -16.42 -15.11 -9.58
CA ASP B 95 -15.54 -16.27 -9.46
C ASP B 95 -14.07 -15.91 -9.57
N LEU B 96 -13.77 -14.86 -10.32
CA LEU B 96 -12.39 -14.43 -10.53
C LEU B 96 -12.33 -12.92 -10.35
N VAL B 97 -11.34 -12.45 -9.60
CA VAL B 97 -11.15 -11.01 -9.48
C VAL B 97 -9.76 -10.72 -9.95
N ILE B 98 -9.65 -9.83 -10.94
CA ILE B 98 -8.40 -9.40 -11.51
C ILE B 98 -8.21 -8.00 -11.05
N PHE B 99 -7.00 -7.73 -10.57
CA PHE B 99 -6.62 -6.39 -10.23
C PHE B 99 -5.69 -5.88 -11.34
N GLN B 100 -6.04 -4.73 -11.94
CA GLN B 100 -5.26 -4.19 -13.01
C GLN B 100 -4.68 -2.83 -12.54
N PHE B 101 -3.36 -2.71 -12.42
CA PHE B 101 -2.76 -1.48 -11.90
C PHE B 101 -1.32 -1.37 -12.27
N PRO B 102 -0.79 -0.14 -12.30
CA PRO B 102 0.65 0.12 -12.31
C PRO B 102 1.21 0.03 -10.87
N LEU B 103 2.43 -0.45 -10.74
CA LEU B 103 3.04 -0.60 -9.46
C LEU B 103 3.33 0.84 -8.99
N TYR B 104 2.92 1.21 -7.76
CA TYR B 104 3.30 2.48 -7.17
C TYR B 104 4.05 2.14 -5.88
N TRP B 105 5.31 2.47 -5.81
CA TRP B 105 6.09 2.19 -4.65
C TRP B 105 6.00 0.74 -4.19
N PHE B 106 6.21 -0.19 -5.13
CA PHE B 106 6.28 -1.64 -4.84
C PHE B 106 4.95 -2.13 -4.32
N SER B 107 3.86 -1.48 -4.71
CA SER B 107 2.55 -1.83 -4.16
C SER B 107 1.49 -1.31 -5.11
N VAL B 108 0.26 -1.26 -4.62
CA VAL B 108 -0.83 -0.73 -5.37
C VAL B 108 -0.93 0.78 -5.18
N PRO B 109 -1.49 1.50 -6.17
CA PRO B 109 -1.77 2.92 -5.99
C PRO B 109 -2.76 3.07 -4.85
N ALA B 110 -2.63 4.14 -4.06
CA ALA B 110 -3.47 4.35 -2.87
C ALA B 110 -4.95 4.15 -3.12
N ILE B 111 -5.49 4.59 -4.26
CA ILE B 111 -6.92 4.40 -4.52
C ILE B 111 -7.28 2.94 -4.48
N LEU B 112 -6.38 2.05 -4.92
CA LEU B 112 -6.65 0.61 -4.88
C LEU B 112 -6.38 0.11 -3.47
N LYS B 113 -5.36 0.61 -2.79
CA LYS B 113 -5.10 0.18 -1.41
C LYS B 113 -6.35 0.49 -0.56
N GLY B 114 -7.00 1.60 -0.88
CA GLY B 114 -8.22 2.02 -0.14
C GLY B 114 -9.40 1.07 -0.39
N TRP B 115 -9.47 0.54 -1.60
CA TRP B 115 -10.53 -0.37 -1.96
C TRP B 115 -10.23 -1.57 -1.09
N MET B 116 -8.97 -2.00 -1.04
CA MET B 116 -8.67 -3.16 -0.22
CA MET B 116 -8.52 -3.11 -0.19
C MET B 116 -9.00 -2.87 1.25
N ASP B 117 -8.57 -1.75 1.82
CA ASP B 117 -8.82 -1.48 3.26
C ASP B 117 -10.34 -1.45 3.62
N ARG B 118 -11.16 -0.90 2.73
CA ARG B 118 -12.53 -0.52 3.03
C ARG B 118 -13.49 -1.63 2.60
N VAL B 119 -13.16 -2.28 1.48
CA VAL B 119 -13.99 -3.37 0.97
C VAL B 119 -13.81 -4.76 1.66
N LEU B 120 -12.55 -5.13 1.95
CA LEU B 120 -12.25 -6.44 2.55
C LEU B 120 -12.37 -6.36 4.07
N CYS B 121 -13.59 -6.12 4.54
CA CYS B 121 -13.78 -5.96 6.02
C CYS B 121 -14.05 -7.27 6.74
N GLN B 122 -13.90 -7.20 8.07
CA GLN B 122 -14.03 -8.33 8.91
C GLN B 122 -15.51 -8.65 8.86
N GLY B 123 -15.84 -9.93 8.67
CA GLY B 123 -17.23 -10.37 8.55
C GLY B 123 -17.56 -10.68 7.09
N PHE B 124 -16.98 -9.88 6.19
CA PHE B 124 -17.18 -10.05 4.74
C PHE B 124 -16.09 -10.88 4.09
N ALA B 125 -14.83 -10.45 4.23
CA ALA B 125 -13.70 -11.04 3.53
C ALA B 125 -12.96 -12.13 4.38
N PHE B 126 -13.11 -12.02 5.71
CA PHE B 126 -12.40 -12.83 6.69
C PHE B 126 -13.04 -12.65 8.06
N ASP B 127 -12.70 -13.54 8.97
CA ASP B 127 -13.01 -13.31 10.35
C ASP B 127 -11.90 -13.88 11.20
N ILE B 128 -11.92 -13.58 12.50
CA ILE B 128 -11.07 -14.29 13.51
C ILE B 128 -11.97 -15.17 14.36
N PRO B 129 -11.93 -16.51 14.13
CA PRO B 129 -11.11 -17.19 13.10
C PRO B 129 -11.77 -17.14 11.74
N GLY B 130 -11.09 -17.65 10.70
CA GLY B 130 -11.60 -17.66 9.34
C GLY B 130 -10.76 -16.82 8.41
N PHE B 131 -9.48 -17.17 8.27
CA PHE B 131 -8.54 -16.45 7.37
C PHE B 131 -7.56 -17.45 6.77
N TYR B 132 -6.69 -16.98 5.86
CA TYR B 132 -5.92 -17.87 4.99
C TYR B 132 -6.85 -18.92 4.38
N ASP B 133 -6.73 -20.20 4.69
CA ASP B 133 -7.43 -21.22 3.90
C ASP B 133 -8.84 -21.43 4.42
N SER B 134 -9.14 -20.79 5.55
CA SER B 134 -10.51 -20.74 6.03
CA SER B 134 -10.50 -20.74 6.03
C SER B 134 -11.05 -19.30 5.84
N GLY B 135 -10.37 -18.50 5.02
CA GLY B 135 -10.84 -17.16 4.74
C GLY B 135 -12.19 -17.17 4.02
N LEU B 136 -12.94 -16.08 4.18
CA LEU B 136 -14.34 -16.05 3.78
C LEU B 136 -14.52 -16.02 2.28
N LEU B 137 -13.54 -15.52 1.54
CA LEU B 137 -13.63 -15.52 0.08
C LEU B 137 -13.13 -16.84 -0.56
N GLN B 138 -13.09 -17.93 0.21
CA GLN B 138 -12.73 -19.24 -0.35
C GLN B 138 -13.62 -19.66 -1.52
N GLY B 139 -13.00 -20.45 -2.40
CA GLY B 139 -13.62 -20.85 -3.65
C GLY B 139 -13.47 -19.79 -4.74
N LYS B 140 -12.87 -18.61 -4.46
CA LYS B 140 -12.73 -17.55 -5.47
C LYS B 140 -11.30 -17.52 -5.95
N LEU B 141 -11.08 -17.09 -7.17
CA LEU B 141 -9.74 -16.81 -7.72
C LEU B 141 -9.38 -15.32 -7.78
N ALA B 142 -8.08 -15.02 -7.76
CA ALA B 142 -7.63 -13.64 -7.82
C ALA B 142 -6.33 -13.67 -8.56
N LEU B 143 -6.08 -12.59 -9.28
CA LEU B 143 -4.95 -12.51 -10.19
C LEU B 143 -4.52 -11.07 -10.20
N LEU B 144 -3.23 -10.79 -10.05
CA LEU B 144 -2.77 -9.41 -10.09
C LEU B 144 -2.16 -9.20 -11.42
N SER B 145 -2.58 -8.15 -12.08
CA SER B 145 -1.98 -7.79 -13.34
C SER B 145 -1.34 -6.42 -13.17
N VAL B 146 0.00 -6.42 -13.00
CA VAL B 146 0.82 -5.29 -12.62
C VAL B 146 1.65 -4.89 -13.80
N THR B 147 1.80 -3.58 -14.01
CA THR B 147 2.76 -3.03 -14.96
C THR B 147 3.80 -2.23 -14.15
N THR B 148 5.05 -2.24 -14.60
CA THR B 148 6.13 -1.56 -13.91
C THR B 148 6.85 -0.52 -14.77
N GLY B 149 7.49 0.44 -14.11
CA GLY B 149 8.47 1.31 -14.74
C GLY B 149 9.74 0.52 -14.91
N GLY B 150 10.10 -0.28 -13.91
CA GLY B 150 11.44 -0.92 -13.95
C GLY B 150 11.44 -2.15 -14.84
N THR B 151 12.61 -2.51 -15.38
CA THR B 151 12.70 -3.65 -16.28
C THR B 151 12.72 -4.98 -15.50
N ALA B 152 12.45 -6.06 -16.26
CA ALA B 152 12.56 -7.44 -15.79
C ALA B 152 13.86 -7.71 -15.00
N GLU B 153 15.00 -7.28 -15.54
CA GLU B 153 16.28 -7.37 -14.85
C GLU B 153 16.46 -6.60 -13.53
N MET B 154 15.85 -5.41 -13.43
CA MET B 154 15.88 -4.67 -12.15
C MET B 154 15.24 -5.50 -11.09
N TYR B 155 14.18 -6.22 -11.46
CA TYR B 155 13.43 -7.06 -10.53
C TYR B 155 13.89 -8.51 -10.52
N THR B 156 15.19 -8.71 -10.34
CA THR B 156 15.74 -10.05 -10.16
C THR B 156 16.41 -10.17 -8.78
N LYS B 157 16.64 -11.42 -8.38
CA LYS B 157 17.36 -11.76 -7.13
C LYS B 157 18.47 -10.74 -6.85
N THR B 158 19.31 -10.55 -7.86
CA THR B 158 20.47 -9.68 -7.79
C THR B 158 20.33 -8.37 -8.61
N GLY B 159 19.11 -7.92 -8.88
CA GLY B 159 18.95 -6.57 -9.48
C GLY B 159 18.69 -5.62 -8.33
N VAL B 160 18.84 -4.33 -8.54
CA VAL B 160 18.62 -3.31 -7.47
C VAL B 160 17.33 -3.41 -6.64
N ASN B 161 16.22 -3.71 -7.32
CA ASN B 161 14.90 -3.81 -6.71
C ASN B 161 14.56 -5.18 -6.07
N GLY B 162 15.49 -6.15 -6.19
CA GLY B 162 15.27 -7.57 -5.83
C GLY B 162 14.19 -8.33 -6.63
N ASP B 163 13.91 -9.58 -6.27
CA ASP B 163 12.94 -10.33 -7.07
C ASP B 163 11.52 -9.76 -7.03
N SER B 164 10.85 -9.82 -8.18
CA SER B 164 9.49 -9.28 -8.32
C SER B 164 8.56 -9.88 -7.31
N ARG B 165 8.74 -11.16 -7.04
CA ARG B 165 7.91 -11.89 -6.08
C ARG B 165 8.00 -11.29 -4.67
N TYR B 166 9.12 -10.64 -4.35
CA TYR B 166 9.27 -10.07 -3.03
C TYR B 166 8.18 -9.03 -2.80
N PHE B 167 7.91 -8.18 -3.81
CA PHE B 167 6.87 -7.18 -3.66
C PHE B 167 5.42 -7.73 -3.74
N LEU B 168 5.28 -8.92 -4.33
CA LEU B 168 3.98 -9.57 -4.44
C LEU B 168 3.46 -10.06 -3.03
N TRP B 169 4.37 -10.26 -2.07
CA TRP B 169 3.98 -10.88 -0.79
C TRP B 169 2.80 -10.24 -0.02
N PRO B 170 2.88 -8.93 0.31
CA PRO B 170 1.80 -8.33 1.07
C PRO B 170 0.47 -8.38 0.33
N LEU B 171 0.49 -8.31 -1.00
CA LEU B 171 -0.71 -8.39 -1.79
C LEU B 171 -1.23 -9.84 -1.97
N GLN B 172 -0.38 -10.73 -2.44
CA GLN B 172 -0.85 -12.08 -2.72
C GLN B 172 -1.17 -12.82 -1.44
N HIS B 173 -0.25 -12.77 -0.46
CA HIS B 173 -0.36 -13.57 0.75
C HIS B 173 -1.07 -12.83 1.85
N GLY B 174 -0.55 -11.65 2.18
CA GLY B 174 -1.09 -10.90 3.29
C GLY B 174 -2.52 -10.42 3.05
N THR B 175 -2.90 -10.15 1.80
CA THR B 175 -4.28 -9.75 1.49
C THR B 175 -5.10 -10.88 0.81
N LEU B 176 -4.80 -11.25 -0.44
CA LEU B 176 -5.68 -12.16 -1.15
C LEU B 176 -5.76 -13.55 -0.49
N HIS B 177 -4.62 -14.20 -0.27
CA HIS B 177 -4.65 -15.49 0.40
C HIS B 177 -5.37 -15.43 1.75
N PHE B 178 -5.08 -14.39 2.47
CA PHE B 178 -5.56 -14.19 3.79
C PHE B 178 -7.09 -14.20 3.81
N CYS B 179 -7.70 -13.68 2.75
CA CYS B 179 -9.16 -13.67 2.67
C CYS B 179 -9.73 -14.95 2.08
N GLY B 180 -8.89 -15.95 1.79
CA GLY B 180 -9.35 -17.21 1.21
C GLY B 180 -9.18 -17.38 -0.31
N PHE B 181 -8.67 -16.38 -0.99
CA PHE B 181 -8.56 -16.53 -2.46
C PHE B 181 -7.52 -17.58 -2.81
N LYS B 182 -7.77 -18.33 -3.87
CA LYS B 182 -6.68 -18.98 -4.51
C LYS B 182 -6.07 -17.94 -5.46
N VAL B 183 -4.76 -17.85 -5.45
CA VAL B 183 -4.06 -16.87 -6.22
C VAL B 183 -3.49 -17.48 -7.47
N LEU B 184 -3.84 -16.92 -8.62
CA LEU B 184 -3.27 -17.32 -9.91
C LEU B 184 -1.97 -16.58 -10.12
N ALA B 185 -1.12 -17.10 -10.97
CA ALA B 185 0.17 -16.49 -11.18
C ALA B 185 -0.01 -15.04 -11.67
N PRO B 186 0.78 -14.11 -11.10
CA PRO B 186 0.63 -12.71 -11.43
C PRO B 186 0.94 -12.53 -12.92
N GLN B 187 0.39 -11.48 -13.53
CA GLN B 187 0.78 -11.11 -14.86
C GLN B 187 1.61 -9.82 -14.77
N ILE B 188 2.91 -9.90 -14.96
CA ILE B 188 3.71 -8.66 -14.92
C ILE B 188 4.19 -8.21 -16.30
N SER B 189 3.80 -6.99 -16.65
CA SER B 189 4.17 -6.39 -17.90
C SER B 189 5.28 -5.37 -17.60
N PHE B 190 6.53 -5.72 -17.89
CA PHE B 190 7.66 -4.93 -17.39
C PHE B 190 7.92 -3.79 -18.31
N ALA B 191 8.09 -2.61 -17.71
CA ALA B 191 8.64 -1.45 -18.41
C ALA B 191 7.99 -1.20 -19.77
N PRO B 192 6.64 -1.09 -19.83
CA PRO B 192 6.10 -0.76 -21.16
C PRO B 192 6.63 0.57 -21.75
N GLU B 193 6.91 1.57 -20.89
CA GLU B 193 7.32 2.89 -21.34
C GLU B 193 8.57 2.75 -22.14
N ILE B 194 9.53 1.94 -21.69
CA ILE B 194 10.75 1.71 -22.46
C ILE B 194 10.60 0.72 -23.64
N ALA B 195 9.79 -0.34 -23.48
CA ALA B 195 9.64 -1.33 -24.57
C ALA B 195 9.40 -0.71 -25.98
N SER B 196 9.82 -1.38 -27.05
CA SER B 196 9.49 -0.87 -28.38
C SER B 196 8.03 -1.15 -28.70
N GLU B 197 7.53 -0.58 -29.79
CA GLU B 197 6.14 -0.75 -30.28
C GLU B 197 5.71 -2.23 -30.32
N GLU B 198 6.57 -3.05 -30.93
CA GLU B 198 6.38 -4.50 -31.11
C GLU B 198 6.35 -5.21 -29.79
N GLU B 199 7.27 -4.90 -28.89
CA GLU B 199 7.35 -5.68 -27.65
C GLU B 199 6.14 -5.38 -26.81
N ARG B 200 5.57 -4.20 -27.03
CA ARG B 200 4.41 -3.73 -26.29
C ARG B 200 3.14 -4.43 -26.73
N LYS B 201 3.07 -4.70 -28.02
CA LYS B 201 1.92 -5.34 -28.60
C LYS B 201 1.94 -6.80 -28.29
N GLY B 202 3.14 -7.38 -28.27
CA GLY B 202 3.38 -8.75 -27.80
C GLY B 202 2.95 -8.89 -26.34
N MET B 203 3.29 -7.91 -25.51
CA MET B 203 2.92 -7.95 -24.10
C MET B 203 1.40 -7.94 -23.90
N VAL B 204 0.70 -7.12 -24.68
CA VAL B 204 -0.75 -7.07 -24.67
C VAL B 204 -1.36 -8.36 -25.21
N ALA B 205 -0.86 -8.85 -26.35
CA ALA B 205 -1.34 -10.13 -26.89
C ALA B 205 -1.03 -11.32 -25.95
N ALA B 206 0.14 -11.32 -25.30
CA ALA B 206 0.47 -12.38 -24.33
C ALA B 206 -0.59 -12.45 -23.19
N TRP B 207 -1.13 -11.30 -22.78
CA TRP B 207 -2.18 -11.25 -21.76
C TRP B 207 -3.46 -11.82 -22.30
N SER B 208 -3.83 -11.32 -23.47
CA SER B 208 -4.98 -11.79 -24.26
C SER B 208 -4.90 -13.31 -24.37
N GLN B 209 -3.74 -13.81 -24.71
CA GLN B 209 -3.60 -15.20 -25.05
C GLN B 209 -3.62 -16.03 -23.79
N ARG B 210 -3.14 -15.49 -22.69
CA ARG B 210 -3.14 -16.24 -21.47
C ARG B 210 -4.58 -16.42 -20.95
N LEU B 211 -5.42 -15.42 -21.22
CA LEU B 211 -6.80 -15.39 -20.75
C LEU B 211 -7.66 -16.43 -21.48
N GLN B 212 -7.31 -16.72 -22.73
CA GLN B 212 -7.93 -17.78 -23.46
C GLN B 212 -8.05 -19.06 -22.63
N THR B 213 -7.05 -19.37 -21.80
CA THR B 213 -7.03 -20.67 -21.12
C THR B 213 -7.02 -20.51 -19.61
N ILE B 214 -7.46 -19.34 -19.12
CA ILE B 214 -7.32 -18.94 -17.71
C ILE B 214 -8.02 -19.84 -16.73
N TRP B 215 -9.14 -20.40 -17.16
CA TRP B 215 -9.99 -21.31 -16.38
C TRP B 215 -9.37 -22.70 -16.15
N LYS B 216 -8.40 -23.04 -16.99
CA LYS B 216 -7.68 -24.28 -16.89
C LYS B 216 -6.54 -24.23 -15.90
N GLU B 217 -6.16 -23.02 -15.47
CA GLU B 217 -5.01 -22.77 -14.61
C GLU B 217 -5.15 -23.30 -13.17
N GLU B 218 -4.02 -23.64 -12.57
CA GLU B 218 -3.97 -24.04 -11.18
C GLU B 218 -3.46 -22.83 -10.42
N PRO B 219 -3.87 -22.65 -9.17
CA PRO B 219 -3.29 -21.52 -8.38
C PRO B 219 -1.76 -21.70 -8.12
N ILE B 220 -1.04 -20.64 -7.72
CA ILE B 220 0.32 -20.82 -7.22
C ILE B 220 0.26 -21.37 -5.78
N PRO B 221 1.31 -22.06 -5.32
CA PRO B 221 1.36 -22.25 -3.86
C PRO B 221 1.68 -20.90 -3.19
N CYS B 222 0.69 -20.28 -2.54
CA CYS B 222 0.88 -18.97 -1.91
C CYS B 222 1.57 -19.08 -0.51
N THR B 223 2.89 -19.28 -0.54
CA THR B 223 3.66 -19.61 0.65
C THR B 223 4.88 -18.73 0.66
N ALA B 224 5.58 -18.75 1.80
CA ALA B 224 6.85 -18.06 1.96
C ALA B 224 7.93 -18.61 0.99
N HIS B 225 7.94 -19.90 0.73
CA HIS B 225 8.92 -20.44 -0.20
C HIS B 225 8.71 -20.00 -1.67
N TRP B 226 7.45 -19.92 -2.12
CA TRP B 226 7.21 -19.49 -3.50
C TRP B 226 7.76 -18.07 -3.62
N HIS B 227 7.50 -17.25 -2.61
CA HIS B 227 7.82 -15.85 -2.73
C HIS B 227 9.34 -15.58 -2.58
N PHE B 228 10.02 -16.33 -1.69
CA PHE B 228 11.40 -16.02 -1.27
C PHE B 228 12.45 -17.07 -1.60
N GLY B 229 12.03 -18.33 -1.78
CA GLY B 229 12.96 -19.42 -2.06
C GLY B 229 13.58 -19.97 -0.79
N GLN B 230 14.73 -20.64 -0.93
CA GLN B 230 15.54 -21.11 0.23
C GLN B 230 14.91 -22.26 1.08
ZN ZN C . 17.22 -1.08 0.95
PA FAD D . -6.00 0.72 19.76
O1A FAD D . -7.28 -0.08 19.67
O2A FAD D . -6.37 2.21 19.80
O5B FAD D . -5.08 0.40 21.05
C5B FAD D . -5.15 -0.81 21.79
C4B FAD D . -5.41 -0.45 23.24
O4B FAD D . -4.41 0.37 23.82
C3B FAD D . -6.72 0.32 23.38
O3B FAD D . -7.42 -0.27 24.46
C2B FAD D . -6.28 1.71 23.73
O2B FAD D . -7.14 2.35 24.62
C1B FAD D . -5.05 1.42 24.51
N9A FAD D . -4.20 2.59 24.71
C8A FAD D . -4.21 3.81 24.08
N7A FAD D . -3.20 4.52 24.61
C5A FAD D . -2.59 3.80 25.58
C6A FAD D . -1.51 4.01 26.47
N6A FAD D . -0.90 5.18 26.55
N1A FAD D . -1.11 3.01 27.35
C2A FAD D . -1.77 1.81 27.36
N3A FAD D . -2.83 1.60 26.48
C4A FAD D . -3.21 2.58 25.63
N1 FAD D . -3.18 -6.35 11.64
C2 FAD D . -2.14 -7.14 11.20
O2 FAD D . -1.44 -7.73 12.04
N3 FAD D . -1.87 -7.26 9.84
C4 FAD D . -2.63 -6.61 8.88
O4 FAD D . -2.36 -6.74 7.66
C4X FAD D . -3.72 -5.85 9.36
N5 FAD D . -4.52 -5.18 8.49
C5X FAD D . -5.55 -4.38 8.93
C6 FAD D . -6.35 -3.74 7.98
C7 FAD D . -7.40 -2.95 8.37
C7M FAD D . -8.25 -2.20 7.33
C8 FAD D . -7.63 -2.79 9.76
C8M FAD D . -8.77 -1.89 10.22
C9 FAD D . -6.83 -3.46 10.70
C9A FAD D . -5.79 -4.26 10.28
N10 FAD D . -4.98 -4.92 11.20
C10 FAD D . -3.96 -5.70 10.73
C1' FAD D . -5.22 -4.77 12.67
C2' FAD D . -4.54 -3.40 13.07
O2' FAD D . -3.22 -3.22 12.60
C3' FAD D . -4.54 -3.15 14.57
O3' FAD D . -5.90 -3.12 14.93
C4' FAD D . -3.93 -1.81 14.97
O4' FAD D . -2.54 -1.82 14.70
C5' FAD D . -4.15 -1.54 16.45
O5' FAD D . -3.51 -0.33 16.81
P FAD D . -4.43 0.89 17.32
O1P FAD D . -5.53 1.23 16.32
O2P FAD D . -3.69 2.18 17.64
O3P FAD D . -4.96 0.16 18.68
N14 372 E . 11.18 3.44 -13.61
C13 372 E . 11.43 2.92 -12.61
C12 372 E . 11.78 2.27 -11.32
C7 372 E . 10.77 2.47 -10.19
C8 372 E . 11.15 1.99 -8.84
O11 372 E . 11.83 0.87 -8.78
N9 372 E . 10.66 2.64 -7.74
C10 372 E . 10.70 2.42 -6.28
C2 372 E . 10.10 3.68 -9.73
C1 372 E . 9.44 4.70 -10.44
C3 372 E . 10.00 3.70 -8.24
C4 372 E . 9.33 4.74 -7.59
C5 372 E . 8.71 5.73 -8.35
C6 372 E . 8.74 5.73 -9.73
N15 372 E . 8.11 6.79 -10.31
C16 372 E . 7.96 7.05 -11.64
O17 372 E . 8.27 6.27 -12.53
C18 372 E . 7.40 8.40 -12.03
ZN ZN F . -0.09 -17.16 0.74
C1 GOL G . -12.99 15.04 -1.50
O1 GOL G . -11.73 14.75 -0.92
C2 GOL G . -13.96 13.94 -1.08
O2 GOL G . -13.44 12.69 -1.47
C3 GOL G . -15.34 14.18 -1.66
O3 GOL G . -15.37 13.68 -2.98
PA FAD H . 1.84 4.01 -20.28
O1A FAD H . 2.83 5.12 -20.12
O2A FAD H . 0.42 4.49 -20.32
O5B FAD H . 2.23 3.12 -21.55
C5B FAD H . 3.51 3.28 -22.14
C4B FAD H . 3.31 3.32 -23.65
O4B FAD H . 2.56 2.18 -24.05
C3B FAD H . 2.51 4.54 -24.13
O3B FAD H . 3.06 5.06 -25.30
C2B FAD H . 1.19 3.99 -24.54
O2B FAD H . 0.58 4.73 -25.58
C1B FAD H . 1.59 2.61 -24.97
N9A FAD H . 0.39 1.79 -25.13
C8A FAD H . -0.85 1.94 -24.55
N7A FAD H . -1.68 1.00 -25.07
C5A FAD H . -0.99 0.26 -25.98
C6A FAD H . -1.34 -0.83 -26.80
N6A FAD H . -2.53 -1.41 -26.78
N1A FAD H . -0.37 -1.34 -27.63
C2A FAD H . 0.92 -0.80 -27.67
N3A FAD H . 1.25 0.26 -26.86
C4A FAD H . 0.32 0.76 -26.03
N1 FAD H . 7.67 1.60 -11.28
C2 FAD H . 8.37 0.56 -10.62
O2 FAD H . 9.03 -0.31 -11.24
N3 FAD H . 8.39 0.55 -9.24
C4 FAD H . 7.70 1.47 -8.48
O4 FAD H . 7.68 1.37 -7.24
C4X FAD H . 7.00 2.49 -9.13
N5 FAD H . 6.35 3.42 -8.38
C5X FAD H . 5.66 4.45 -8.97
C6 FAD H . 5.00 5.39 -8.20
C7 FAD H . 4.30 6.43 -8.80
C7M FAD H . 3.58 7.41 -7.86
C8 FAD H . 4.26 6.52 -10.22
C8M FAD H . 3.54 7.57 -11.05
C9 FAD H . 4.96 5.55 -10.96
C9A FAD H . 5.65 4.54 -10.36
N10 FAD H . 6.33 3.58 -11.12
C10 FAD H . 7.00 2.56 -10.51
C1' FAD H . 6.29 3.59 -12.63
C2' FAD H . 4.93 2.97 -13.03
O2' FAD H . 4.63 1.73 -12.46
C3' FAD H . 4.80 2.83 -14.54
O3' FAD H . 4.80 4.14 -15.01
C4' FAD H . 3.53 2.15 -15.02
O4' FAD H . 3.43 0.78 -14.67
C5' FAD H . 3.43 2.23 -16.54
O5' FAD H . 2.11 1.81 -16.90
P FAD H . 1.21 2.78 -17.76
O1P FAD H . -0.06 2.11 -18.15
O2P FAD H . 0.97 4.06 -17.07
O3P FAD H . 2.13 2.97 -19.09
N14 372 I . -5.29 -9.05 13.86
C13 372 I . -4.94 -9.68 12.94
C12 372 I . -4.51 -10.46 11.78
C7 372 I . -4.30 -9.46 10.67
C8 372 I . -3.72 -9.94 9.40
O11 372 I . -2.68 -10.74 9.48
N9 372 I . -4.22 -9.52 8.21
C10 372 I . -3.74 -9.83 6.83
C2 372 I . -5.41 -8.69 10.05
C1 372 I . -6.40 -7.94 10.66
C3 372 I . -5.30 -8.74 8.55
C4 372 I . -6.24 -8.01 7.80
C5 372 I . -7.21 -7.26 8.46
C6 372 I . -7.30 -7.21 9.84
N15 372 I . -8.33 -6.45 10.29
C16 372 I . -8.63 -6.20 11.59
O17 372 I . -8.01 -6.68 12.56
C18 372 I . -9.76 -5.21 11.80
#